data_2M78
#
_entry.id   2M78
#
_entity_poly.entity_id   1
_entity_poly.type   'polypeptide(L)'
_entity_poly.pdbx_seq_one_letter_code
;GFCRCLCRRGDCRCICTR
;
_entity_poly.pdbx_strand_id   A
#
# COMPACT_ATOMS: atom_id res chain seq x y z
N GLY A 1 -7.61 9.38 -2.53
CA GLY A 1 -7.67 9.84 -1.17
C GLY A 1 -7.83 8.67 -0.22
N PHE A 2 -7.74 7.49 -0.77
CA PHE A 2 -7.86 6.25 -0.03
C PHE A 2 -6.54 5.52 -0.10
N CYS A 3 -6.14 4.92 0.98
CA CYS A 3 -4.90 4.20 0.99
C CYS A 3 -5.13 2.73 1.23
N ARG A 4 -4.53 1.94 0.39
CA ARG A 4 -4.56 0.51 0.47
C ARG A 4 -3.14 0.04 0.64
N CYS A 5 -2.92 -0.95 1.44
CA CYS A 5 -1.58 -1.33 1.72
C CYS A 5 -1.25 -2.69 1.14
N LEU A 6 0.01 -2.88 0.83
CA LEU A 6 0.45 -4.11 0.24
C LEU A 6 1.76 -4.55 0.84
N CYS A 7 1.99 -5.82 0.79
CA CYS A 7 3.24 -6.38 1.20
C CYS A 7 3.83 -7.12 0.03
N ARG A 8 4.91 -6.61 -0.45
CA ARG A 8 5.57 -7.13 -1.60
C ARG A 8 6.87 -7.81 -1.18
N ARG A 9 6.81 -9.14 -1.06
CA ARG A 9 7.96 -10.01 -0.67
C ARG A 9 8.46 -9.64 0.75
N GLY A 10 7.52 -9.26 1.60
CA GLY A 10 7.85 -8.88 2.96
C GLY A 10 7.95 -7.37 3.11
N ASP A 11 8.06 -6.70 2.00
CA ASP A 11 8.18 -5.24 1.98
C ASP A 11 6.79 -4.63 2.01
N CYS A 12 6.36 -4.26 3.18
CA CYS A 12 5.06 -3.67 3.35
C CYS A 12 5.13 -2.18 3.24
N ARG A 13 4.20 -1.67 2.50
CA ARG A 13 4.08 -0.25 2.25
C ARG A 13 2.66 0.04 1.83
N CYS A 14 2.28 1.28 1.81
CA CYS A 14 0.94 1.62 1.43
C CYS A 14 0.92 2.47 0.18
N ILE A 15 -0.11 2.31 -0.60
CA ILE A 15 -0.29 3.11 -1.80
C ILE A 15 -1.63 3.85 -1.72
N CYS A 16 -1.61 5.11 -2.04
CA CYS A 16 -2.80 5.92 -1.93
C CYS A 16 -3.27 6.39 -3.28
N THR A 17 -4.56 6.37 -3.45
CA THR A 17 -5.21 6.82 -4.65
C THR A 17 -6.63 7.17 -4.29
N ARG A 18 -7.14 8.23 -4.91
CA ARG A 18 -8.51 8.74 -4.70
C ARG A 18 -8.68 9.35 -3.28
N GLY A 1 -6.92 9.45 -2.61
CA GLY A 1 -7.08 9.71 -1.20
C GLY A 1 -7.23 8.45 -0.37
N PHE A 2 -7.58 7.36 -1.00
CA PHE A 2 -7.78 6.10 -0.33
C PHE A 2 -6.47 5.36 -0.28
N CYS A 3 -6.15 4.80 0.83
CA CYS A 3 -4.90 4.10 0.97
C CYS A 3 -5.11 2.69 1.46
N ARG A 4 -4.54 1.77 0.76
CA ARG A 4 -4.59 0.38 1.13
C ARG A 4 -3.20 -0.15 1.20
N CYS A 5 -2.93 -1.01 2.13
CA CYS A 5 -1.58 -1.44 2.31
C CYS A 5 -1.33 -2.79 1.72
N LEU A 6 -0.18 -2.93 1.14
CA LEU A 6 0.22 -4.12 0.44
C LEU A 6 1.57 -4.58 0.91
N CYS A 7 1.73 -5.86 1.05
CA CYS A 7 3.02 -6.42 1.35
C CYS A 7 3.55 -7.05 0.10
N ARG A 8 4.58 -6.45 -0.43
CA ARG A 8 5.17 -6.84 -1.68
C ARG A 8 6.61 -7.26 -1.42
N ARG A 9 6.84 -8.57 -1.52
CA ARG A 9 8.15 -9.20 -1.30
C ARG A 9 8.71 -8.83 0.08
N GLY A 10 7.85 -8.88 1.06
CA GLY A 10 8.23 -8.59 2.41
C GLY A 10 7.97 -7.16 2.81
N ASP A 11 7.98 -6.25 1.86
CA ASP A 11 7.84 -4.85 2.19
C ASP A 11 6.40 -4.45 2.21
N CYS A 12 5.90 -4.12 3.36
CA CYS A 12 4.56 -3.62 3.44
C CYS A 12 4.60 -2.14 3.28
N ARG A 13 3.93 -1.71 2.30
CA ARG A 13 3.91 -0.34 1.91
C ARG A 13 2.48 0.03 1.66
N CYS A 14 2.12 1.25 1.89
CA CYS A 14 0.76 1.62 1.66
C CYS A 14 0.63 2.42 0.41
N ILE A 15 -0.28 2.00 -0.41
CA ILE A 15 -0.50 2.58 -1.70
C ILE A 15 -1.75 3.44 -1.65
N CYS A 16 -1.58 4.70 -1.92
CA CYS A 16 -2.71 5.61 -1.94
C CYS A 16 -3.14 5.87 -3.36
N THR A 17 -4.41 6.00 -3.55
CA THR A 17 -5.02 6.30 -4.80
C THR A 17 -6.33 7.03 -4.50
N ARG A 18 -6.48 8.20 -5.09
CA ARG A 18 -7.63 9.08 -4.93
C ARG A 18 -7.96 9.34 -3.42
N GLY A 1 -7.40 9.45 -2.32
CA GLY A 1 -7.89 9.42 -0.95
C GLY A 1 -7.98 8.02 -0.37
N PHE A 2 -8.11 7.04 -1.23
CA PHE A 2 -8.23 5.67 -0.80
C PHE A 2 -6.87 5.11 -0.56
N CYS A 3 -6.65 4.63 0.61
CA CYS A 3 -5.37 4.08 0.95
C CYS A 3 -5.47 2.61 1.17
N ARG A 4 -4.58 1.91 0.56
CA ARG A 4 -4.49 0.49 0.67
C ARG A 4 -3.05 0.12 0.89
N CYS A 5 -2.80 -0.68 1.87
CA CYS A 5 -1.46 -1.11 2.11
C CYS A 5 -1.24 -2.48 1.50
N LEU A 6 -0.02 -2.77 1.17
CA LEU A 6 0.31 -4.03 0.55
C LEU A 6 1.69 -4.51 0.98
N CYS A 7 1.75 -5.73 1.44
CA CYS A 7 3.01 -6.35 1.71
C CYS A 7 3.44 -7.14 0.51
N ARG A 8 4.46 -6.63 -0.12
CA ARG A 8 4.98 -7.13 -1.36
C ARG A 8 6.43 -7.55 -1.13
N ARG A 9 6.74 -8.83 -1.36
CA ARG A 9 8.11 -9.37 -1.20
C ARG A 9 8.59 -9.23 0.28
N GLY A 10 7.63 -9.26 1.19
CA GLY A 10 7.92 -9.12 2.62
C GLY A 10 8.04 -7.67 3.05
N ASP A 11 8.10 -6.81 2.09
CA ASP A 11 8.26 -5.40 2.31
C ASP A 11 6.91 -4.73 2.18
N CYS A 12 6.49 -4.10 3.22
CA CYS A 12 5.19 -3.50 3.23
C CYS A 12 5.26 -2.06 2.87
N ARG A 13 4.39 -1.69 1.97
CA ARG A 13 4.30 -0.35 1.46
C ARG A 13 2.84 0.02 1.45
N CYS A 14 2.56 1.27 1.43
CA CYS A 14 1.19 1.67 1.33
C CYS A 14 1.00 2.51 0.10
N ILE A 15 -0.12 2.34 -0.52
CA ILE A 15 -0.45 3.04 -1.73
C ILE A 15 -1.76 3.79 -1.54
N CYS A 16 -1.71 5.08 -1.67
CA CYS A 16 -2.90 5.88 -1.63
C CYS A 16 -3.22 6.33 -3.02
N THR A 17 -4.47 6.32 -3.34
CA THR A 17 -4.93 6.70 -4.63
C THR A 17 -6.30 7.36 -4.45
N ARG A 18 -6.37 8.61 -4.82
CA ARG A 18 -7.57 9.43 -4.75
C ARG A 18 -8.22 9.34 -3.33
N GLY A 1 -7.60 8.96 -2.69
CA GLY A 1 -7.60 9.51 -1.37
C GLY A 1 -7.50 8.46 -0.28
N PHE A 2 -7.67 7.21 -0.65
CA PHE A 2 -7.64 6.12 0.31
C PHE A 2 -6.28 5.46 0.25
N CYS A 3 -5.76 5.10 1.38
CA CYS A 3 -4.47 4.46 1.43
C CYS A 3 -4.62 2.98 1.68
N ARG A 4 -4.14 2.24 0.75
CA ARG A 4 -4.21 0.80 0.74
C ARG A 4 -2.80 0.25 0.79
N CYS A 5 -2.58 -0.79 1.55
CA CYS A 5 -1.24 -1.33 1.59
C CYS A 5 -1.03 -2.44 0.63
N LEU A 6 0.14 -2.46 0.13
CA LEU A 6 0.60 -3.44 -0.81
C LEU A 6 1.87 -4.07 -0.24
N CYS A 7 1.91 -5.36 -0.22
CA CYS A 7 3.05 -6.07 0.29
C CYS A 7 3.76 -6.80 -0.82
N ARG A 8 5.06 -6.69 -0.83
CA ARG A 8 5.89 -7.39 -1.77
C ARG A 8 7.01 -8.08 -1.01
N ARG A 9 6.83 -9.36 -0.79
CA ARG A 9 7.79 -10.23 -0.11
C ARG A 9 8.20 -9.62 1.24
N GLY A 10 7.21 -9.35 2.05
CA GLY A 10 7.45 -8.78 3.35
C GLY A 10 7.36 -7.28 3.36
N ASP A 11 7.73 -6.66 2.26
CA ASP A 11 7.74 -5.20 2.14
C ASP A 11 6.33 -4.67 1.99
N CYS A 12 5.77 -4.24 3.08
CA CYS A 12 4.47 -3.66 3.06
C CYS A 12 4.58 -2.18 3.16
N ARG A 13 3.96 -1.55 2.26
CA ARG A 13 3.95 -0.11 2.18
C ARG A 13 2.60 0.31 1.67
N CYS A 14 2.15 1.46 2.08
CA CYS A 14 0.89 1.92 1.60
C CYS A 14 1.01 2.82 0.44
N ILE A 15 0.10 2.61 -0.44
CA ILE A 15 -0.06 3.40 -1.63
C ILE A 15 -1.43 4.00 -1.58
N CYS A 16 -1.54 5.27 -1.81
CA CYS A 16 -2.81 5.90 -1.74
C CYS A 16 -3.34 6.13 -3.13
N THR A 17 -4.61 5.86 -3.30
CA THR A 17 -5.30 6.05 -4.54
C THR A 17 -6.72 6.46 -4.19
N ARG A 18 -7.23 7.47 -4.90
CA ARG A 18 -8.57 8.00 -4.70
C ARG A 18 -8.71 8.57 -3.26
N GLY A 1 -7.65 9.88 -1.16
CA GLY A 1 -8.11 9.64 0.20
C GLY A 1 -8.28 8.19 0.58
N PHE A 2 -7.92 7.28 -0.28
CA PHE A 2 -8.02 5.87 0.03
C PHE A 2 -6.66 5.24 -0.08
N CYS A 3 -6.29 4.52 0.92
CA CYS A 3 -5.02 3.86 0.96
C CYS A 3 -5.20 2.37 1.03
N ARG A 4 -4.40 1.68 0.29
CA ARG A 4 -4.40 0.26 0.22
C ARG A 4 -2.95 -0.19 0.18
N CYS A 5 -2.61 -1.22 0.89
CA CYS A 5 -1.24 -1.61 0.95
C CYS A 5 -0.98 -2.92 0.25
N LEU A 6 0.18 -3.00 -0.33
CA LEU A 6 0.63 -4.18 -1.01
C LEU A 6 1.91 -4.62 -0.31
N CYS A 7 2.00 -5.88 0.02
CA CYS A 7 3.15 -6.40 0.75
C CYS A 7 3.82 -7.51 -0.03
N ARG A 8 5.15 -7.44 -0.10
CA ARG A 8 5.96 -8.42 -0.79
C ARG A 8 7.16 -8.75 0.07
N ARG A 9 7.19 -9.96 0.64
CA ARG A 9 8.36 -10.42 1.42
C ARG A 9 8.58 -9.49 2.66
N GLY A 10 7.49 -9.00 3.20
CA GLY A 10 7.57 -8.13 4.36
C GLY A 10 7.61 -6.66 3.96
N ASP A 11 7.95 -6.41 2.71
CA ASP A 11 8.02 -5.05 2.19
C ASP A 11 6.64 -4.57 1.85
N CYS A 12 6.10 -3.74 2.67
CA CYS A 12 4.82 -3.20 2.40
C CYS A 12 4.96 -1.82 1.86
N ARG A 13 4.23 -1.58 0.86
CA ARG A 13 4.21 -0.33 0.22
C ARG A 13 2.76 0.02 0.04
N CYS A 14 2.41 1.20 0.39
CA CYS A 14 1.03 1.54 0.35
C CYS A 14 0.74 2.53 -0.72
N ILE A 15 -0.31 2.25 -1.43
CA ILE A 15 -0.74 3.08 -2.50
C ILE A 15 -1.99 3.85 -2.10
N CYS A 16 -1.87 5.14 -2.03
CA CYS A 16 -3.01 5.96 -1.73
C CYS A 16 -3.44 6.69 -2.97
N THR A 17 -4.70 6.74 -3.16
CA THR A 17 -5.28 7.46 -4.25
C THR A 17 -6.59 8.05 -3.76
N ARG A 18 -6.71 9.34 -3.94
CA ARG A 18 -7.85 10.15 -3.56
C ARG A 18 -8.45 9.76 -2.19
N GLY A 1 -7.14 9.84 -2.21
CA GLY A 1 -7.19 10.08 -0.79
C GLY A 1 -7.54 8.83 0.01
N PHE A 2 -7.48 7.69 -0.62
CA PHE A 2 -7.79 6.45 0.04
C PHE A 2 -6.58 5.53 -0.05
N CYS A 3 -6.33 4.76 0.97
CA CYS A 3 -5.16 3.92 0.99
C CYS A 3 -5.49 2.46 1.26
N ARG A 4 -4.79 1.59 0.58
CA ARG A 4 -4.79 0.16 0.80
C ARG A 4 -3.35 -0.26 0.88
N CYS A 5 -3.02 -1.26 1.64
CA CYS A 5 -1.65 -1.62 1.77
C CYS A 5 -1.32 -2.94 1.08
N LEU A 6 -0.08 -3.06 0.65
CA LEU A 6 0.41 -4.17 -0.13
C LEU A 6 1.78 -4.63 0.39
N CYS A 7 1.92 -5.91 0.65
CA CYS A 7 3.18 -6.45 1.10
C CYS A 7 3.87 -7.20 -0.01
N ARG A 8 5.03 -6.74 -0.40
CA ARG A 8 5.82 -7.37 -1.43
C ARG A 8 7.11 -7.90 -0.85
N ARG A 9 7.12 -9.21 -0.62
CA ARG A 9 8.27 -9.94 -0.10
C ARG A 9 8.76 -9.32 1.23
N GLY A 10 7.81 -8.99 2.07
CA GLY A 10 8.11 -8.42 3.36
C GLY A 10 8.01 -6.91 3.38
N ASP A 11 8.22 -6.28 2.25
CA ASP A 11 8.15 -4.83 2.16
C ASP A 11 6.72 -4.40 2.01
N CYS A 12 6.16 -3.93 3.08
CA CYS A 12 4.80 -3.49 3.06
C CYS A 12 4.75 -2.03 2.78
N ARG A 13 4.07 -1.74 1.75
CA ARG A 13 3.94 -0.44 1.20
C ARG A 13 2.48 -0.13 1.17
N CYS A 14 2.13 1.09 0.99
CA CYS A 14 0.76 1.42 0.91
C CYS A 14 0.48 2.22 -0.32
N ILE A 15 -0.57 1.86 -0.97
CA ILE A 15 -1.00 2.47 -2.18
C ILE A 15 -2.10 3.45 -1.85
N CYS A 16 -1.84 4.69 -2.07
CA CYS A 16 -2.83 5.68 -1.83
C CYS A 16 -3.17 6.36 -3.12
N THR A 17 -4.42 6.48 -3.36
CA THR A 17 -4.95 7.12 -4.53
C THR A 17 -6.35 7.62 -4.16
N ARG A 18 -6.72 8.78 -4.66
CA ARG A 18 -8.01 9.41 -4.44
C ARG A 18 -8.24 9.65 -2.92
N GLY A 1 -7.29 8.42 -3.49
CA GLY A 1 -7.22 9.37 -2.40
C GLY A 1 -7.04 8.71 -1.04
N PHE A 2 -7.21 7.40 -0.97
CA PHE A 2 -7.17 6.73 0.31
C PHE A 2 -6.02 5.73 0.32
N CYS A 3 -5.37 5.57 1.46
CA CYS A 3 -4.26 4.65 1.57
C CYS A 3 -4.65 3.28 2.03
N ARG A 4 -4.22 2.36 1.27
CA ARG A 4 -4.40 0.96 1.46
C ARG A 4 -3.02 0.38 1.42
N CYS A 5 -2.79 -0.74 2.01
CA CYS A 5 -1.46 -1.19 2.07
C CYS A 5 -1.27 -2.46 1.28
N LEU A 6 -0.22 -2.48 0.53
CA LEU A 6 0.10 -3.61 -0.33
C LEU A 6 1.45 -4.17 0.06
N CYS A 7 1.64 -5.44 -0.13
CA CYS A 7 2.87 -6.07 0.25
C CYS A 7 3.64 -6.53 -0.97
N ARG A 8 4.90 -6.14 -0.99
CA ARG A 8 5.81 -6.50 -2.04
C ARG A 8 7.03 -7.18 -1.45
N ARG A 9 7.05 -8.49 -1.54
CA ARG A 9 8.18 -9.33 -1.11
C ARG A 9 8.43 -9.14 0.41
N GLY A 10 7.35 -9.06 1.13
CA GLY A 10 7.40 -8.91 2.56
C GLY A 10 7.29 -7.47 2.97
N ASP A 11 7.52 -6.57 2.04
CA ASP A 11 7.49 -5.16 2.31
C ASP A 11 6.10 -4.64 2.15
N CYS A 12 5.38 -4.55 3.24
CA CYS A 12 4.07 -3.99 3.22
C CYS A 12 4.18 -2.54 3.39
N ARG A 13 3.73 -1.87 2.42
CA ARG A 13 3.86 -0.47 2.33
C ARG A 13 2.56 0.11 1.92
N CYS A 14 2.24 1.24 2.45
CA CYS A 14 0.97 1.80 2.17
C CYS A 14 1.05 2.81 1.06
N ILE A 15 0.10 2.73 0.20
CA ILE A 15 0.02 3.60 -0.94
C ILE A 15 -1.41 4.14 -1.06
N CYS A 16 -1.54 5.36 -1.50
CA CYS A 16 -2.85 5.91 -1.71
C CYS A 16 -3.24 5.78 -3.14
N THR A 17 -4.43 5.37 -3.29
CA THR A 17 -5.07 5.22 -4.54
C THR A 17 -6.48 5.68 -4.31
N ARG A 18 -7.03 6.42 -5.25
CA ARG A 18 -8.36 6.98 -5.16
C ARG A 18 -8.44 8.02 -3.99
N GLY A 1 -7.82 9.42 -2.51
CA GLY A 1 -7.92 9.91 -1.14
C GLY A 1 -7.93 8.79 -0.12
N PHE A 2 -7.64 7.58 -0.57
CA PHE A 2 -7.64 6.42 0.28
C PHE A 2 -6.28 5.71 0.19
N CYS A 3 -5.84 5.12 1.26
CA CYS A 3 -4.61 4.38 1.22
C CYS A 3 -4.87 2.91 1.40
N ARG A 4 -4.48 2.18 0.43
CA ARG A 4 -4.63 0.74 0.42
C ARG A 4 -3.24 0.15 0.52
N CYS A 5 -3.05 -0.82 1.33
CA CYS A 5 -1.73 -1.32 1.53
C CYS A 5 -1.56 -2.70 0.98
N LEU A 6 -0.36 -2.96 0.54
CA LEU A 6 0.02 -4.24 -0.01
C LEU A 6 1.32 -4.66 0.59
N CYS A 7 1.61 -5.92 0.54
CA CYS A 7 2.88 -6.40 1.01
C CYS A 7 3.51 -7.27 -0.05
N ARG A 8 4.77 -7.01 -0.31
CA ARG A 8 5.55 -7.75 -1.28
C ARG A 8 6.96 -7.82 -0.77
N ARG A 9 7.65 -8.95 -0.95
CA ARG A 9 9.07 -9.11 -0.53
C ARG A 9 9.19 -9.10 1.02
N GLY A 10 8.07 -9.16 1.70
CA GLY A 10 8.07 -9.01 3.15
C GLY A 10 8.14 -7.54 3.52
N ASP A 11 7.95 -6.72 2.53
CA ASP A 11 8.01 -5.29 2.62
C ASP A 11 6.62 -4.74 2.39
N CYS A 12 6.00 -4.23 3.41
CA CYS A 12 4.69 -3.68 3.25
C CYS A 12 4.76 -2.27 2.79
N ARG A 13 3.91 -1.95 1.88
CA ARG A 13 3.94 -0.70 1.20
C ARG A 13 2.53 -0.22 0.98
N CYS A 14 2.29 1.02 1.18
CA CYS A 14 0.97 1.53 1.00
C CYS A 14 0.87 2.38 -0.23
N ILE A 15 -0.21 2.22 -0.90
CA ILE A 15 -0.52 2.95 -2.11
C ILE A 15 -1.66 3.90 -1.79
N CYS A 16 -1.50 5.15 -2.04
CA CYS A 16 -2.54 6.09 -1.76
C CYS A 16 -3.03 6.70 -3.04
N THR A 17 -4.31 6.64 -3.20
CA THR A 17 -4.98 7.10 -4.37
C THR A 17 -6.46 7.20 -4.06
N ARG A 18 -7.14 8.12 -4.73
CA ARG A 18 -8.58 8.36 -4.57
C ARG A 18 -8.86 8.91 -3.14
N GLY A 1 -7.22 9.22 -2.88
CA GLY A 1 -7.52 9.58 -1.51
C GLY A 1 -7.77 8.37 -0.63
N PHE A 2 -7.97 7.22 -1.24
CA PHE A 2 -8.22 6.00 -0.49
C PHE A 2 -6.91 5.28 -0.33
N CYS A 3 -6.64 4.79 0.83
CA CYS A 3 -5.40 4.15 1.10
C CYS A 3 -5.57 2.67 1.36
N ARG A 4 -4.63 1.90 0.90
CA ARG A 4 -4.61 0.46 1.06
C ARG A 4 -3.15 0.04 1.15
N CYS A 5 -2.85 -0.96 1.91
CA CYS A 5 -1.49 -1.36 2.07
C CYS A 5 -1.17 -2.60 1.28
N LEU A 6 0.04 -2.66 0.80
CA LEU A 6 0.51 -3.76 0.01
C LEU A 6 1.81 -4.28 0.59
N CYS A 7 1.87 -5.55 0.78
CA CYS A 7 3.09 -6.20 1.17
C CYS A 7 3.59 -7.01 0.01
N ARG A 8 4.74 -6.65 -0.47
CA ARG A 8 5.32 -7.24 -1.63
C ARG A 8 6.58 -7.98 -1.26
N ARG A 9 6.43 -9.28 -1.08
CA ARG A 9 7.53 -10.19 -0.76
C ARG A 9 8.29 -9.70 0.50
N GLY A 10 7.51 -9.27 1.47
CA GLY A 10 8.07 -8.79 2.71
C GLY A 10 8.09 -7.29 2.81
N ASP A 11 8.16 -6.62 1.67
CA ASP A 11 8.24 -5.16 1.64
C ASP A 11 6.85 -4.56 1.71
N CYS A 12 6.51 -4.04 2.86
CA CYS A 12 5.22 -3.45 3.03
C CYS A 12 5.29 -1.97 2.87
N ARG A 13 4.34 -1.48 2.14
CA ARG A 13 4.22 -0.08 1.86
C ARG A 13 2.75 0.23 1.69
N CYS A 14 2.30 1.32 2.25
CA CYS A 14 0.93 1.68 2.08
C CYS A 14 0.82 2.70 0.98
N ILE A 15 -0.15 2.51 0.14
CA ILE A 15 -0.31 3.33 -1.02
C ILE A 15 -1.68 3.98 -1.02
N CYS A 16 -1.73 5.21 -1.37
CA CYS A 16 -2.96 5.90 -1.49
C CYS A 16 -3.25 6.23 -2.92
N THR A 17 -4.47 6.06 -3.30
CA THR A 17 -4.91 6.32 -4.61
C THR A 17 -6.31 6.88 -4.56
N ARG A 18 -6.45 8.05 -5.17
CA ARG A 18 -7.67 8.83 -5.23
C ARG A 18 -8.15 9.22 -3.81
N GLY A 1 -7.59 9.56 -2.18
CA GLY A 1 -7.89 9.72 -0.78
C GLY A 1 -8.06 8.39 -0.07
N PHE A 2 -8.00 7.31 -0.83
CA PHE A 2 -8.16 5.97 -0.30
C PHE A 2 -6.79 5.34 -0.20
N CYS A 3 -6.56 4.56 0.83
CA CYS A 3 -5.28 3.91 0.99
C CYS A 3 -5.44 2.42 1.04
N ARG A 4 -4.68 1.77 0.23
CA ARG A 4 -4.64 0.33 0.14
C ARG A 4 -3.21 -0.11 0.20
N CYS A 5 -2.93 -1.12 0.96
CA CYS A 5 -1.56 -1.47 1.21
C CYS A 5 -1.16 -2.80 0.62
N LEU A 6 0.09 -2.89 0.26
CA LEU A 6 0.66 -4.09 -0.31
C LEU A 6 1.90 -4.50 0.47
N CYS A 7 1.96 -5.74 0.85
CA CYS A 7 3.14 -6.31 1.45
C CYS A 7 3.66 -7.40 0.55
N ARG A 8 4.80 -7.19 -0.03
CA ARG A 8 5.33 -8.11 -1.02
C ARG A 8 6.65 -8.70 -0.56
N ARG A 9 6.61 -9.91 -0.01
CA ARG A 9 7.81 -10.66 0.42
C ARG A 9 8.61 -9.85 1.48
N GLY A 10 7.88 -9.08 2.26
CA GLY A 10 8.50 -8.27 3.28
C GLY A 10 8.38 -6.80 3.00
N ASP A 11 8.25 -6.46 1.73
CA ASP A 11 8.14 -5.07 1.31
C ASP A 11 6.73 -4.55 1.52
N CYS A 12 6.50 -3.94 2.63
CA CYS A 12 5.23 -3.33 2.89
C CYS A 12 5.28 -1.89 2.51
N ARG A 13 4.30 -1.51 1.78
CA ARG A 13 4.17 -0.16 1.33
C ARG A 13 2.71 0.12 1.05
N CYS A 14 2.25 1.25 1.49
CA CYS A 14 0.88 1.61 1.27
C CYS A 14 0.76 2.58 0.13
N ILE A 15 -0.26 2.41 -0.63
CA ILE A 15 -0.52 3.24 -1.78
C ILE A 15 -1.80 4.01 -1.51
N CYS A 16 -1.71 5.30 -1.50
CA CYS A 16 -2.87 6.13 -1.33
C CYS A 16 -3.17 6.83 -2.62
N THR A 17 -4.39 6.76 -3.00
CA THR A 17 -4.86 7.30 -4.22
C THR A 17 -6.32 7.61 -4.08
N ARG A 18 -6.71 8.77 -4.61
CA ARG A 18 -8.10 9.26 -4.56
C ARG A 18 -8.55 9.52 -3.09
N GLY A 1 -6.70 9.79 -1.35
CA GLY A 1 -7.09 9.58 0.04
C GLY A 1 -7.45 8.13 0.36
N PHE A 2 -7.69 7.35 -0.67
CA PHE A 2 -8.01 5.96 -0.49
C PHE A 2 -6.72 5.17 -0.49
N CYS A 3 -6.54 4.37 0.49
CA CYS A 3 -5.32 3.61 0.62
C CYS A 3 -5.58 2.12 0.74
N ARG A 4 -4.76 1.37 0.08
CA ARG A 4 -4.72 -0.06 0.19
C ARG A 4 -3.30 -0.46 0.39
N CYS A 5 -3.03 -1.26 1.36
CA CYS A 5 -1.68 -1.60 1.63
C CYS A 5 -1.37 -3.01 1.20
N LEU A 6 -0.18 -3.18 0.71
CA LEU A 6 0.27 -4.44 0.22
C LEU A 6 1.67 -4.73 0.74
N CYS A 7 1.84 -5.89 1.31
CA CYS A 7 3.13 -6.33 1.73
C CYS A 7 3.65 -7.32 0.73
N ARG A 8 4.67 -6.92 0.05
CA ARG A 8 5.26 -7.71 -1.00
C ARG A 8 6.67 -8.09 -0.64
N ARG A 9 6.86 -9.35 -0.24
CA ARG A 9 8.19 -9.93 0.04
C ARG A 9 8.86 -9.25 1.27
N GLY A 10 8.06 -8.63 2.10
CA GLY A 10 8.57 -7.96 3.28
C GLY A 10 8.45 -6.47 3.13
N ASP A 11 8.24 -6.02 1.91
CA ASP A 11 8.09 -4.61 1.64
C ASP A 11 6.64 -4.23 1.77
N CYS A 12 6.29 -3.66 2.88
CA CYS A 12 4.97 -3.17 3.06
C CYS A 12 4.91 -1.78 2.57
N ARG A 13 3.96 -1.53 1.76
CA ARG A 13 3.80 -0.28 1.10
C ARG A 13 2.35 -0.04 0.92
N CYS A 14 1.95 1.18 0.94
CA CYS A 14 0.59 1.47 0.72
C CYS A 14 0.40 2.19 -0.58
N ILE A 15 -0.57 1.76 -1.29
CA ILE A 15 -0.96 2.34 -2.53
C ILE A 15 -2.12 3.24 -2.22
N CYS A 16 -1.90 4.51 -2.34
CA CYS A 16 -2.92 5.46 -2.05
C CYS A 16 -3.27 6.25 -3.28
N THR A 17 -4.52 6.56 -3.39
CA THR A 17 -5.03 7.34 -4.45
C THR A 17 -6.21 8.13 -3.96
N ARG A 18 -6.09 9.42 -4.10
CA ARG A 18 -7.05 10.41 -3.69
C ARG A 18 -7.59 10.16 -2.26
N GLY A 1 -7.40 9.73 -2.01
CA GLY A 1 -7.73 9.85 -0.61
C GLY A 1 -7.92 8.49 0.04
N PHE A 2 -7.66 7.44 -0.68
CA PHE A 2 -7.84 6.10 -0.19
C PHE A 2 -6.51 5.36 -0.19
N CYS A 3 -6.24 4.74 0.91
CA CYS A 3 -5.05 3.95 1.05
C CYS A 3 -5.41 2.49 1.11
N ARG A 4 -4.69 1.71 0.39
CA ARG A 4 -4.79 0.27 0.42
C ARG A 4 -3.38 -0.26 0.50
N CYS A 5 -3.10 -1.09 1.46
CA CYS A 5 -1.75 -1.54 1.64
C CYS A 5 -1.51 -2.92 1.07
N LEU A 6 -0.29 -3.14 0.65
CA LEU A 6 0.13 -4.41 0.12
C LEU A 6 1.49 -4.79 0.67
N CYS A 7 1.76 -6.06 0.77
CA CYS A 7 3.05 -6.52 1.23
C CYS A 7 3.70 -7.42 0.20
N ARG A 8 4.89 -7.06 -0.18
CA ARG A 8 5.65 -7.75 -1.19
C ARG A 8 7.01 -8.14 -0.64
N ARG A 9 7.18 -9.43 -0.33
CA ARG A 9 8.44 -9.98 0.17
C ARG A 9 8.95 -9.22 1.43
N GLY A 10 8.04 -8.95 2.33
CA GLY A 10 8.39 -8.27 3.56
C GLY A 10 8.41 -6.77 3.41
N ASP A 11 8.22 -6.30 2.22
CA ASP A 11 8.18 -4.88 1.95
C ASP A 11 6.76 -4.45 1.78
N CYS A 12 6.22 -3.83 2.79
CA CYS A 12 4.89 -3.36 2.72
C CYS A 12 4.87 -1.93 2.28
N ARG A 13 4.02 -1.67 1.36
CA ARG A 13 3.87 -0.38 0.77
C ARG A 13 2.41 -0.11 0.69
N CYS A 14 2.04 1.11 0.88
CA CYS A 14 0.67 1.44 0.78
C CYS A 14 0.42 2.27 -0.43
N ILE A 15 -0.63 1.94 -1.10
CA ILE A 15 -1.02 2.64 -2.29
C ILE A 15 -2.11 3.62 -1.90
N CYS A 16 -1.74 4.85 -1.78
CA CYS A 16 -2.69 5.87 -1.47
C CYS A 16 -2.90 6.70 -2.69
N THR A 17 -4.11 6.78 -3.06
CA THR A 17 -4.56 7.53 -4.20
C THR A 17 -6.04 7.82 -4.00
N ARG A 18 -6.46 8.99 -4.43
CA ARG A 18 -7.85 9.44 -4.38
C ARG A 18 -8.34 9.54 -2.92
N GLY A 1 -7.50 9.70 -1.91
CA GLY A 1 -7.61 9.74 -0.46
C GLY A 1 -7.78 8.37 0.17
N PHE A 2 -7.94 7.35 -0.65
CA PHE A 2 -8.12 6.02 -0.14
C PHE A 2 -6.82 5.26 -0.29
N CYS A 3 -6.37 4.72 0.79
CA CYS A 3 -5.11 4.02 0.83
C CYS A 3 -5.29 2.54 0.89
N ARG A 4 -4.52 1.87 0.09
CA ARG A 4 -4.51 0.43 0.03
C ARG A 4 -3.08 0.00 0.17
N CYS A 5 -2.81 -0.76 1.17
CA CYS A 5 -1.47 -1.17 1.44
C CYS A 5 -1.17 -2.53 0.84
N LEU A 6 0.08 -2.74 0.51
CA LEU A 6 0.51 -3.99 -0.06
C LEU A 6 1.80 -4.44 0.59
N CYS A 7 1.92 -5.71 0.82
CA CYS A 7 3.13 -6.29 1.34
C CYS A 7 3.61 -7.32 0.36
N ARG A 8 4.79 -7.14 -0.17
CA ARG A 8 5.36 -8.07 -1.10
C ARG A 8 6.79 -8.33 -0.72
N ARG A 9 7.14 -9.60 -0.67
CA ARG A 9 8.49 -10.09 -0.38
C ARG A 9 8.94 -9.65 1.04
N GLY A 10 7.97 -9.47 1.91
CA GLY A 10 8.22 -9.09 3.27
C GLY A 10 8.38 -7.60 3.42
N ASP A 11 7.97 -6.86 2.43
CA ASP A 11 8.06 -5.42 2.47
C ASP A 11 6.69 -4.82 2.30
N CYS A 12 6.28 -4.06 3.27
CA CYS A 12 5.00 -3.42 3.24
C CYS A 12 5.12 -1.98 2.86
N ARG A 13 4.24 -1.57 2.04
CA ARG A 13 4.21 -0.22 1.53
C ARG A 13 2.78 0.15 1.19
N CYS A 14 2.44 1.39 1.31
CA CYS A 14 1.09 1.78 1.05
C CYS A 14 0.98 2.67 -0.17
N ILE A 15 -0.09 2.48 -0.90
CA ILE A 15 -0.38 3.24 -2.10
C ILE A 15 -1.72 3.92 -1.89
N CYS A 16 -1.82 5.18 -2.23
CA CYS A 16 -3.07 5.88 -2.02
C CYS A 16 -3.58 6.48 -3.31
N THR A 17 -4.88 6.48 -3.46
CA THR A 17 -5.51 7.07 -4.61
C THR A 17 -6.88 7.60 -4.17
N ARG A 18 -7.12 8.84 -4.50
CA ARG A 18 -8.33 9.60 -4.19
C ARG A 18 -8.57 9.60 -2.66
N GLY A 1 -7.38 9.56 -2.53
CA GLY A 1 -7.44 9.92 -1.14
C GLY A 1 -7.60 8.72 -0.23
N PHE A 2 -7.59 7.54 -0.80
CA PHE A 2 -7.76 6.34 -0.04
C PHE A 2 -6.48 5.52 -0.12
N CYS A 3 -6.11 4.90 0.96
CA CYS A 3 -4.91 4.14 1.00
C CYS A 3 -5.19 2.70 1.38
N ARG A 4 -4.51 1.81 0.72
CA ARG A 4 -4.57 0.41 1.00
C ARG A 4 -3.14 -0.06 1.08
N CYS A 5 -2.85 -0.97 1.95
CA CYS A 5 -1.49 -1.39 2.06
C CYS A 5 -1.27 -2.71 1.36
N LEU A 6 -0.10 -2.83 0.78
CA LEU A 6 0.29 -3.97 0.02
C LEU A 6 1.67 -4.36 0.44
N CYS A 7 1.92 -5.61 0.54
CA CYS A 7 3.21 -6.06 0.90
C CYS A 7 3.84 -6.76 -0.26
N ARG A 8 5.00 -6.30 -0.62
CA ARG A 8 5.74 -6.86 -1.71
C ARG A 8 6.94 -7.60 -1.17
N ARG A 9 6.82 -8.92 -1.16
CA ARG A 9 7.91 -9.83 -0.81
C ARG A 9 8.49 -9.54 0.59
N GLY A 10 7.63 -9.22 1.52
CA GLY A 10 8.07 -8.97 2.87
C GLY A 10 8.10 -7.49 3.21
N ASP A 11 8.01 -6.64 2.22
CA ASP A 11 7.99 -5.20 2.47
C ASP A 11 6.61 -4.65 2.38
N CYS A 12 6.08 -4.23 3.48
CA CYS A 12 4.78 -3.63 3.50
C CYS A 12 4.88 -2.16 3.29
N ARG A 13 4.08 -1.72 2.38
CA ARG A 13 4.05 -0.36 1.93
C ARG A 13 2.60 0.00 1.69
N CYS A 14 2.29 1.25 1.63
CA CYS A 14 0.94 1.59 1.40
C CYS A 14 0.78 2.43 0.16
N ILE A 15 -0.19 2.08 -0.62
CA ILE A 15 -0.45 2.70 -1.89
C ILE A 15 -1.75 3.50 -1.77
N CYS A 16 -1.71 4.72 -2.21
CA CYS A 16 -2.84 5.58 -2.09
C CYS A 16 -3.32 6.05 -3.45
N THR A 17 -4.60 6.16 -3.59
CA THR A 17 -5.22 6.68 -4.78
C THR A 17 -6.60 7.19 -4.38
N ARG A 18 -6.96 8.34 -4.91
CA ARG A 18 -8.26 8.95 -4.71
C ARG A 18 -8.49 9.30 -3.22
N GLY A 1 -7.91 8.82 -3.17
CA GLY A 1 -8.45 9.16 -1.87
C GLY A 1 -8.45 8.00 -0.89
N PHE A 2 -8.09 6.83 -1.36
CA PHE A 2 -8.13 5.63 -0.55
C PHE A 2 -6.73 5.09 -0.32
N CYS A 3 -6.43 4.80 0.91
CA CYS A 3 -5.15 4.26 1.27
C CYS A 3 -5.22 2.77 1.42
N ARG A 4 -4.24 2.11 0.88
CA ARG A 4 -4.15 0.68 0.94
C ARG A 4 -2.73 0.31 1.27
N CYS A 5 -2.54 -0.65 2.10
CA CYS A 5 -1.22 -1.06 2.36
C CYS A 5 -0.93 -2.31 1.62
N LEU A 6 0.18 -2.33 0.98
CA LEU A 6 0.56 -3.41 0.13
C LEU A 6 1.88 -3.96 0.56
N CYS A 7 1.98 -5.24 0.51
CA CYS A 7 3.18 -5.89 0.85
C CYS A 7 3.62 -6.72 -0.33
N ARG A 8 4.73 -6.37 -0.89
CA ARG A 8 5.24 -7.10 -2.00
C ARG A 8 6.35 -7.99 -1.52
N ARG A 9 6.00 -9.26 -1.37
CA ARG A 9 6.87 -10.34 -0.93
C ARG A 9 7.65 -9.96 0.36
N GLY A 10 6.91 -9.49 1.34
CA GLY A 10 7.50 -9.13 2.59
C GLY A 10 7.67 -7.64 2.77
N ASP A 11 7.92 -6.92 1.70
CA ASP A 11 8.16 -5.48 1.82
C ASP A 11 6.86 -4.71 1.80
N CYS A 12 6.50 -4.15 2.93
CA CYS A 12 5.24 -3.46 3.08
C CYS A 12 5.39 -1.97 2.97
N ARG A 13 4.42 -1.35 2.36
CA ARG A 13 4.33 0.09 2.27
C ARG A 13 2.89 0.46 2.05
N CYS A 14 2.50 1.62 2.49
CA CYS A 14 1.15 2.04 2.30
C CYS A 14 1.06 3.06 1.21
N ILE A 15 0.24 2.76 0.28
CA ILE A 15 0.06 3.57 -0.91
C ILE A 15 -1.34 4.12 -0.94
N CYS A 16 -1.47 5.37 -1.23
CA CYS A 16 -2.76 5.98 -1.31
C CYS A 16 -3.03 6.36 -2.74
N THR A 17 -4.22 6.09 -3.18
CA THR A 17 -4.64 6.36 -4.52
C THR A 17 -6.14 6.60 -4.54
N ARG A 18 -6.54 7.62 -5.27
CA ARG A 18 -7.92 8.02 -5.47
C ARG A 18 -8.65 8.30 -4.12
N GLY A 1 -7.53 9.62 -1.61
CA GLY A 1 -7.38 9.80 -0.18
C GLY A 1 -7.39 8.49 0.60
N PHE A 2 -7.61 7.39 -0.08
CA PHE A 2 -7.65 6.08 0.55
C PHE A 2 -6.39 5.33 0.16
N CYS A 3 -5.85 4.56 1.07
CA CYS A 3 -4.62 3.88 0.78
C CYS A 3 -4.75 2.40 1.01
N ARG A 4 -4.37 1.64 0.03
CA ARG A 4 -4.34 0.20 0.11
C ARG A 4 -2.88 -0.17 0.19
N CYS A 5 -2.55 -1.19 0.92
CA CYS A 5 -1.19 -1.50 1.05
C CYS A 5 -0.85 -2.81 0.37
N LEU A 6 0.30 -2.84 -0.22
CA LEU A 6 0.80 -3.98 -0.93
C LEU A 6 2.03 -4.54 -0.22
N CYS A 7 1.92 -5.74 0.24
CA CYS A 7 3.03 -6.40 0.90
C CYS A 7 3.80 -7.26 -0.07
N ARG A 8 5.07 -6.99 -0.19
CA ARG A 8 5.94 -7.72 -1.08
C ARG A 8 7.17 -8.18 -0.31
N ARG A 9 7.24 -9.50 -0.10
CA ARG A 9 8.38 -10.15 0.58
C ARG A 9 8.54 -9.60 2.02
N GLY A 10 7.41 -9.23 2.60
CA GLY A 10 7.40 -8.74 3.95
C GLY A 10 7.35 -7.23 4.01
N ASP A 11 7.81 -6.57 2.97
CA ASP A 11 7.83 -5.11 2.94
C ASP A 11 6.54 -4.59 2.38
N CYS A 12 5.79 -3.91 3.20
CA CYS A 12 4.52 -3.38 2.77
C CYS A 12 4.63 -1.94 2.44
N ARG A 13 4.14 -1.61 1.31
CA ARG A 13 4.15 -0.26 0.79
C ARG A 13 2.73 0.13 0.49
N CYS A 14 2.35 1.33 0.81
CA CYS A 14 0.99 1.71 0.60
C CYS A 14 0.80 2.63 -0.56
N ILE A 15 -0.19 2.33 -1.34
CA ILE A 15 -0.54 3.10 -2.52
C ILE A 15 -1.82 3.89 -2.21
N CYS A 16 -1.79 5.19 -2.40
CA CYS A 16 -2.93 6.00 -2.11
C CYS A 16 -3.57 6.55 -3.36
N THR A 17 -4.88 6.59 -3.36
CA THR A 17 -5.68 7.13 -4.43
C THR A 17 -7.00 7.58 -3.81
N ARG A 18 -7.48 8.75 -4.21
CA ARG A 18 -8.73 9.35 -3.73
C ARG A 18 -8.72 9.52 -2.17
N GLY A 1 -7.86 9.39 -2.74
CA GLY A 1 -8.69 9.31 -1.57
C GLY A 1 -8.67 7.95 -0.88
N PHE A 2 -8.29 6.92 -1.60
CA PHE A 2 -8.33 5.58 -1.05
C PHE A 2 -6.94 5.09 -0.71
N CYS A 3 -6.79 4.68 0.52
CA CYS A 3 -5.55 4.15 1.00
C CYS A 3 -5.66 2.66 1.23
N ARG A 4 -4.62 1.96 0.89
CA ARG A 4 -4.51 0.54 1.08
C ARG A 4 -3.06 0.22 1.35
N CYS A 5 -2.79 -0.74 2.17
CA CYS A 5 -1.44 -1.13 2.39
C CYS A 5 -1.21 -2.47 1.76
N LEU A 6 -0.05 -2.64 1.23
CA LEU A 6 0.26 -3.81 0.49
C LEU A 6 1.62 -4.35 0.89
N CYS A 7 1.75 -5.64 0.92
CA CYS A 7 2.99 -6.28 1.21
C CYS A 7 3.35 -7.23 0.09
N ARG A 8 4.55 -7.08 -0.42
CA ARG A 8 5.05 -7.93 -1.47
C ARG A 8 6.46 -8.37 -1.14
N ARG A 9 6.61 -9.66 -0.89
CA ARG A 9 7.89 -10.32 -0.68
C ARG A 9 8.67 -9.71 0.50
N GLY A 10 7.94 -9.31 1.51
CA GLY A 10 8.56 -8.77 2.71
C GLY A 10 8.63 -7.25 2.70
N ASP A 11 8.25 -6.64 1.60
CA ASP A 11 8.25 -5.18 1.48
C ASP A 11 6.84 -4.67 1.61
N CYS A 12 6.54 -4.07 2.72
CA CYS A 12 5.24 -3.50 2.92
C CYS A 12 5.27 -2.03 2.64
N ARG A 13 4.34 -1.61 1.89
CA ARG A 13 4.23 -0.25 1.47
C ARG A 13 2.77 0.14 1.50
N CYS A 14 2.49 1.35 1.89
CA CYS A 14 1.15 1.80 1.86
C CYS A 14 0.96 2.73 0.70
N ILE A 15 -0.11 2.54 0.02
CA ILE A 15 -0.41 3.26 -1.17
C ILE A 15 -1.73 4.00 -1.02
N CYS A 16 -1.68 5.29 -1.16
CA CYS A 16 -2.89 6.09 -1.21
C CYS A 16 -3.02 6.62 -2.59
N THR A 17 -4.20 6.58 -3.10
CA THR A 17 -4.47 7.05 -4.42
C THR A 17 -5.92 7.50 -4.51
N ARG A 18 -6.09 8.72 -4.92
CA ARG A 18 -7.36 9.40 -5.11
C ARG A 18 -8.34 9.16 -3.95
N GLY A 1 -7.69 8.75 -3.36
CA GLY A 1 -8.22 9.24 -2.11
C GLY A 1 -8.36 8.17 -1.04
N PHE A 2 -7.93 6.96 -1.34
CA PHE A 2 -8.00 5.87 -0.38
C PHE A 2 -6.59 5.33 -0.16
N CYS A 3 -6.28 4.97 1.05
CA CYS A 3 -4.98 4.44 1.34
C CYS A 3 -5.05 2.99 1.70
N ARG A 4 -4.44 2.22 0.89
CA ARG A 4 -4.43 0.80 1.01
C ARG A 4 -3.01 0.38 1.30
N CYS A 5 -2.83 -0.60 2.13
CA CYS A 5 -1.51 -1.05 2.36
C CYS A 5 -1.29 -2.34 1.65
N LEU A 6 -0.10 -2.51 1.15
CA LEU A 6 0.24 -3.67 0.38
C LEU A 6 1.54 -4.26 0.87
N CYS A 7 1.72 -5.51 0.64
CA CYS A 7 2.94 -6.18 0.97
C CYS A 7 3.42 -6.98 -0.21
N ARG A 8 4.52 -6.58 -0.75
CA ARG A 8 5.07 -7.23 -1.89
C ARG A 8 6.44 -7.75 -1.56
N ARG A 9 6.54 -9.07 -1.58
CA ARG A 9 7.77 -9.81 -1.29
C ARG A 9 8.34 -9.41 0.08
N GLY A 10 7.48 -9.37 1.06
CA GLY A 10 7.90 -9.07 2.41
C GLY A 10 7.89 -7.58 2.71
N ASP A 11 7.98 -6.76 1.68
CA ASP A 11 8.06 -5.32 1.87
C ASP A 11 6.68 -4.72 1.88
N CYS A 12 6.28 -4.23 3.01
CA CYS A 12 5.00 -3.61 3.14
C CYS A 12 5.12 -2.13 3.06
N ARG A 13 4.25 -1.57 2.31
CA ARG A 13 4.20 -0.16 2.08
C ARG A 13 2.75 0.23 1.93
N CYS A 14 2.40 1.38 2.40
CA CYS A 14 1.08 1.84 2.21
C CYS A 14 1.05 2.81 1.07
N ILE A 15 0.02 2.73 0.30
CA ILE A 15 -0.11 3.57 -0.85
C ILE A 15 -1.49 4.24 -0.90
N CYS A 16 -1.49 5.51 -1.10
CA CYS A 16 -2.72 6.23 -1.27
C CYS A 16 -2.95 6.45 -2.73
N THR A 17 -4.11 6.11 -3.16
CA THR A 17 -4.51 6.22 -4.53
C THR A 17 -6.00 6.49 -4.58
N ARG A 18 -6.40 7.44 -5.38
CA ARG A 18 -7.79 7.82 -5.61
C ARG A 18 -8.48 8.30 -4.29
N GLY A 1 -7.89 9.21 -2.01
CA GLY A 1 -8.28 9.33 -0.62
C GLY A 1 -8.18 8.03 0.14
N PHE A 2 -8.26 6.90 -0.53
CA PHE A 2 -8.21 5.62 0.14
C PHE A 2 -6.83 5.05 0.02
N CYS A 3 -6.28 4.63 1.10
CA CYS A 3 -4.94 4.11 1.11
C CYS A 3 -4.94 2.61 1.29
N ARG A 4 -4.23 1.96 0.43
CA ARG A 4 -4.13 0.53 0.44
C ARG A 4 -2.65 0.17 0.40
N CYS A 5 -2.25 -0.79 1.14
CA CYS A 5 -0.88 -1.17 1.17
C CYS A 5 -0.59 -2.33 0.27
N LEU A 6 0.53 -2.24 -0.36
CA LEU A 6 1.01 -3.25 -1.26
C LEU A 6 2.13 -3.97 -0.54
N CYS A 7 1.97 -5.24 -0.34
CA CYS A 7 2.97 -6.00 0.35
C CYS A 7 3.60 -7.02 -0.55
N ARG A 8 4.90 -7.14 -0.47
CA ARG A 8 5.64 -8.08 -1.28
C ARG A 8 6.79 -8.62 -0.45
N ARG A 9 6.70 -9.90 -0.10
CA ARG A 9 7.72 -10.61 0.67
C ARG A 9 7.97 -9.89 2.02
N GLY A 10 6.89 -9.50 2.65
CA GLY A 10 6.96 -8.87 3.93
C GLY A 10 7.17 -7.37 3.86
N ASP A 11 7.61 -6.88 2.71
CA ASP A 11 7.86 -5.46 2.55
C ASP A 11 6.61 -4.77 2.07
N CYS A 12 6.06 -3.96 2.91
CA CYS A 12 4.85 -3.27 2.58
C CYS A 12 5.10 -1.82 2.28
N ARG A 13 4.50 -1.39 1.23
CA ARG A 13 4.57 -0.04 0.76
C ARG A 13 3.13 0.46 0.65
N CYS A 14 2.80 1.52 1.33
CA CYS A 14 1.44 1.98 1.29
C CYS A 14 1.24 3.06 0.27
N ILE A 15 0.19 2.89 -0.50
CA ILE A 15 -0.10 3.74 -1.62
C ILE A 15 -1.51 4.30 -1.47
N CYS A 16 -1.63 5.59 -1.58
CA CYS A 16 -2.91 6.21 -1.50
C CYS A 16 -3.47 6.49 -2.87
N THR A 17 -4.71 6.15 -3.02
CA THR A 17 -5.43 6.25 -4.24
C THR A 17 -6.80 6.89 -3.99
N ARG A 18 -6.95 8.13 -4.45
CA ARG A 18 -8.19 8.88 -4.39
C ARG A 18 -8.75 8.89 -2.95
N GLY A 1 -7.70 9.20 -2.93
CA GLY A 1 -8.02 9.54 -1.55
C GLY A 1 -8.26 8.31 -0.68
N PHE A 2 -7.87 7.15 -1.17
CA PHE A 2 -8.03 5.91 -0.45
C PHE A 2 -6.67 5.26 -0.29
N CYS A 3 -6.39 4.78 0.87
CA CYS A 3 -5.13 4.15 1.10
C CYS A 3 -5.27 2.64 1.16
N ARG A 4 -4.30 1.96 0.62
CA ARG A 4 -4.22 0.51 0.62
C ARG A 4 -2.84 0.14 1.03
N CYS A 5 -2.71 -0.75 1.94
CA CYS A 5 -1.40 -1.18 2.26
C CYS A 5 -1.14 -2.50 1.61
N LEU A 6 -0.04 -2.59 0.98
CA LEU A 6 0.33 -3.73 0.22
C LEU A 6 1.66 -4.26 0.68
N CYS A 7 1.83 -5.54 0.59
CA CYS A 7 3.06 -6.17 0.96
C CYS A 7 3.54 -7.03 -0.18
N ARG A 8 4.73 -6.76 -0.64
CA ARG A 8 5.29 -7.49 -1.74
C ARG A 8 6.59 -8.14 -1.30
N ARG A 9 6.52 -9.44 -1.04
CA ARG A 9 7.67 -10.28 -0.71
C ARG A 9 8.31 -9.87 0.66
N GLY A 10 7.51 -9.23 1.47
CA GLY A 10 7.98 -8.79 2.76
C GLY A 10 8.07 -7.29 2.83
N ASP A 11 8.03 -6.65 1.69
CA ASP A 11 8.06 -5.20 1.63
C ASP A 11 6.67 -4.65 1.77
N CYS A 12 6.34 -4.16 2.92
CA CYS A 12 5.05 -3.56 3.12
C CYS A 12 5.14 -2.08 2.95
N ARG A 13 4.21 -1.56 2.24
CA ARG A 13 4.16 -0.17 1.91
C ARG A 13 2.72 0.23 1.77
N CYS A 14 2.37 1.41 2.19
CA CYS A 14 1.02 1.85 2.02
C CYS A 14 0.95 2.87 0.94
N ILE A 15 0.06 2.63 0.04
CA ILE A 15 -0.11 3.46 -1.14
C ILE A 15 -1.47 4.14 -1.09
N CYS A 16 -1.53 5.40 -1.43
CA CYS A 16 -2.78 6.09 -1.43
C CYS A 16 -3.12 6.59 -2.81
N THR A 17 -4.31 6.32 -3.22
CA THR A 17 -4.79 6.66 -4.53
C THR A 17 -6.30 6.89 -4.47
N ARG A 18 -6.74 7.92 -5.15
CA ARG A 18 -8.13 8.38 -5.18
C ARG A 18 -8.62 8.71 -3.75
#